data_8P46
#
_entry.id   8P46
#
_cell.length_a   41.114
_cell.length_b   74.143
_cell.length_c   100.962
_cell.angle_alpha   90.000
_cell.angle_beta   90.000
_cell.angle_gamma   90.000
#
_symmetry.space_group_name_H-M   'P 21 21 21'
#
loop_
_entity.id
_entity.type
_entity.pdbx_description
1 polymer 'Isopenicillin N synthase'
2 non-polymer 'FE (III) ION'
3 non-polymer 'SULFATE ION'
4 non-polymer 'ISOPENICILLIN N'
5 water water
#
_entity_poly.entity_id   1
_entity_poly.type   'polypeptide(L)'
_entity_poly.pdbx_seq_one_letter_code
;MGSVSKANVPKIDVSPLFGDDQAAKMRVAQQIDAASRDTGFFYAVNHGINVQRLSQKTKEFHMSITPEEKWDLAIRAYNK
EHQDQVRAGYYLSIPGKKAVESFCYLNPNFTPDHPRIQAKTPTHEVNVWPDETKHPGFQDFAEQYYWDVFGLSSALLKGY
ALALGKEENFFARHFKPDDTLASVVLIRYPYLDPYPEAAIKTAADGTKLSFEWHEDVSLITVLYQSNVQNLQVETAAGYQ
DIEADDTGYLIDCGSYMAHLTNNYYKAPIHRVKWVNAERQSLPFFVNLGYDSVIDPFDPREPNGKSDREPLSYGDYLQNG
LVSLINKNGQT
;
_entity_poly.pdbx_strand_id   A
#
loop_
_chem_comp.id
_chem_comp.type
_chem_comp.name
_chem_comp.formula
FE non-polymer 'FE (III) ION' 'Fe 3'
IP1 non-polymer 'ISOPENICILLIN N' 'C14 H21 N3 O6 S'
SO4 non-polymer 'SULFATE ION' 'O4 S -2'
#
# COMPACT_ATOMS: atom_id res chain seq x y z
N SER A 3 -24.76 10.75 -11.42
CA SER A 3 -23.70 11.71 -11.14
C SER A 3 -22.85 11.26 -9.96
N VAL A 4 -21.58 11.70 -9.94
CA VAL A 4 -20.60 11.22 -8.98
C VAL A 4 -19.96 12.43 -8.29
N SER A 5 -19.99 12.44 -6.97
CA SER A 5 -19.42 13.53 -6.20
C SER A 5 -17.93 13.29 -5.97
N LYS A 6 -17.28 14.26 -5.32
CA LYS A 6 -15.84 14.22 -5.09
C LYS A 6 -15.57 14.14 -3.59
N ALA A 7 -14.71 13.20 -3.21
CA ALA A 7 -14.41 12.98 -1.80
C ALA A 7 -13.57 14.12 -1.26
N ASN A 8 -13.82 14.47 0.00
CA ASN A 8 -12.94 15.41 0.68
C ASN A 8 -11.67 14.68 1.07
N VAL A 9 -10.56 15.06 0.45
CA VAL A 9 -9.28 14.42 0.72
C VAL A 9 -8.30 15.53 1.07
N PRO A 10 -8.16 15.89 2.34
CA PRO A 10 -7.34 17.06 2.69
C PRO A 10 -5.86 16.81 2.45
N LYS A 11 -5.16 17.90 2.13
CA LYS A 11 -3.70 17.89 2.02
C LYS A 11 -3.12 18.29 3.36
N ILE A 12 -2.41 17.37 3.99
CA ILE A 12 -1.88 17.56 5.34
C ILE A 12 -0.36 17.70 5.23
N ASP A 13 0.16 18.86 5.62
CA ASP A 13 1.60 19.05 5.73
C ASP A 13 2.12 18.20 6.87
N VAL A 14 2.81 17.10 6.56
CA VAL A 14 3.25 16.17 7.59
C VAL A 14 4.68 16.45 8.05
N SER A 15 5.27 17.55 7.62
CA SER A 15 6.68 17.79 7.92
C SER A 15 6.95 17.95 9.41
N PRO A 16 5.99 18.38 10.23
CA PRO A 16 6.27 18.43 11.68
C PRO A 16 6.49 17.04 12.31
N LEU A 17 6.01 15.97 11.68
CA LEU A 17 6.20 14.62 12.23
C LEU A 17 7.64 14.16 12.17
N PHE A 18 8.49 14.83 11.38
CA PHE A 18 9.91 14.54 11.36
C PHE A 18 10.70 15.33 12.41
N GLY A 19 10.06 16.29 13.07
CA GLY A 19 10.73 17.23 13.94
C GLY A 19 10.43 17.00 15.42
N ASP A 20 10.79 18.01 16.21
CA ASP A 20 10.69 17.94 17.67
C ASP A 20 9.79 19.04 18.24
N ASP A 21 8.91 19.62 17.43
CA ASP A 21 7.90 20.57 17.91
C ASP A 21 6.66 19.76 18.24
N GLN A 22 6.48 19.41 19.51
CA GLN A 22 5.48 18.41 19.86
C GLN A 22 4.07 18.93 19.66
N ALA A 23 3.82 20.23 19.92
CA ALA A 23 2.50 20.78 19.67
C ALA A 23 2.18 20.78 18.18
N ALA A 24 3.16 21.11 17.34
CA ALA A 24 2.95 21.08 15.90
C ALA A 24 2.60 19.67 15.43
N LYS A 25 3.17 18.65 16.08
CA LYS A 25 2.83 17.27 15.73
C LYS A 25 1.39 16.95 16.12
N MET A 26 0.93 17.49 17.25
CA MET A 26 -0.46 17.27 17.65
C MET A 26 -1.42 17.91 16.66
N ARG A 27 -1.05 19.07 16.11
CA ARG A 27 -1.90 19.71 15.11
C ARG A 27 -1.96 18.88 13.83
N VAL A 28 -0.85 18.27 13.44
CA VAL A 28 -0.89 17.29 12.36
C VAL A 28 -1.78 16.13 12.75
N ALA A 29 -1.57 15.59 13.95
CA ALA A 29 -2.34 14.44 14.41
C ALA A 29 -3.84 14.72 14.36
N GLN A 30 -4.25 15.93 14.73
CA GLN A 30 -5.67 16.27 14.67
C GLN A 30 -6.19 16.17 13.24
N GLN A 31 -5.40 16.65 12.27
CA GLN A 31 -5.83 16.58 10.87
C GLN A 31 -5.95 15.14 10.42
N ILE A 32 -4.98 14.30 10.80
CA ILE A 32 -5.07 12.88 10.47
C ILE A 32 -6.30 12.26 11.12
N ASP A 33 -6.58 12.62 12.38
CA ASP A 33 -7.77 12.12 13.05
C ASP A 33 -9.03 12.50 12.28
N ALA A 34 -9.14 13.78 11.90
CA ALA A 34 -10.33 14.25 11.21
C ALA A 34 -10.50 13.52 9.87
N ALA A 35 -9.42 13.40 9.10
CA ALA A 35 -9.50 12.69 7.83
C ALA A 35 -9.86 11.23 8.04
N SER A 36 -9.27 10.60 9.05
CA SER A 36 -9.52 9.17 9.28
C SER A 36 -10.97 8.91 9.67
N ARG A 37 -11.62 9.89 10.31
CA ARG A 37 -13.01 9.77 10.71
C ARG A 37 -13.99 10.21 9.63
N ASP A 38 -13.50 10.91 8.60
CA ASP A 38 -14.36 11.34 7.49
C ASP A 38 -14.30 10.33 6.35
N THR A 39 -13.63 10.65 5.25
CA THR A 39 -13.60 9.71 4.12
C THR A 39 -12.61 8.59 4.34
N GLY A 40 -11.58 8.79 5.17
CA GLY A 40 -10.55 7.81 5.40
C GLY A 40 -9.28 8.03 4.60
N PHE A 41 -9.27 9.02 3.70
CA PHE A 41 -8.10 9.32 2.89
C PHE A 41 -7.61 10.73 3.20
N PHE A 42 -6.30 10.93 3.08
CA PHE A 42 -5.71 12.25 3.05
C PHE A 42 -4.42 12.17 2.24
N TYR A 43 -3.98 13.32 1.75
CA TYR A 43 -2.72 13.44 1.04
C TYR A 43 -1.66 13.96 2.00
N ALA A 44 -0.56 13.23 2.11
CA ALA A 44 0.62 13.72 2.84
C ALA A 44 1.44 14.59 1.90
N VAL A 45 1.65 15.85 2.28
CA VAL A 45 2.45 16.78 1.50
C VAL A 45 3.63 17.24 2.35
N ASN A 46 4.62 17.84 1.68
CA ASN A 46 5.85 18.25 2.33
C ASN A 46 6.49 17.06 3.03
N HIS A 47 6.65 15.97 2.28
CA HIS A 47 7.04 14.67 2.80
C HIS A 47 8.52 14.35 2.57
N GLY A 48 9.20 15.10 1.72
CA GLY A 48 10.63 14.98 1.57
C GLY A 48 11.11 13.92 0.59
N ILE A 49 10.22 13.19 -0.04
CA ILE A 49 10.62 12.16 -0.98
C ILE A 49 10.63 12.74 -2.39
N ASN A 50 11.67 12.40 -3.16
CA ASN A 50 11.77 12.81 -4.55
C ASN A 50 10.87 11.89 -5.38
N VAL A 51 9.61 12.31 -5.54
CA VAL A 51 8.66 11.46 -6.28
C VAL A 51 8.82 11.57 -7.78
N GLN A 52 9.56 12.55 -8.28
CA GLN A 52 9.82 12.63 -9.71
C GLN A 52 10.76 11.51 -10.15
N ARG A 53 11.87 11.33 -9.42
CA ARG A 53 12.78 10.23 -9.72
C ARG A 53 12.08 8.89 -9.56
N LEU A 54 11.13 8.79 -8.62
CA LEU A 54 10.40 7.55 -8.41
C LEU A 54 9.60 7.16 -9.65
N SER A 55 8.83 8.09 -10.20
CA SER A 55 8.04 7.76 -11.39
C SER A 55 8.89 7.63 -12.65
N GLN A 56 10.06 8.29 -12.70
CA GLN A 56 10.95 8.12 -13.83
C GLN A 56 11.54 6.71 -13.85
N LYS A 57 12.32 6.37 -12.82
CA LYS A 57 12.91 5.04 -12.72
C LYS A 57 11.87 3.94 -12.94
N THR A 58 10.66 4.14 -12.40
CA THR A 58 9.61 3.13 -12.58
C THR A 58 9.20 3.02 -14.04
N LYS A 59 9.14 4.14 -14.76
CA LYS A 59 8.69 4.12 -16.14
C LYS A 59 9.67 3.34 -17.03
N GLU A 60 10.97 3.63 -16.90
CA GLU A 60 11.94 2.96 -17.76
C GLU A 60 11.96 1.46 -17.51
N PHE A 61 11.69 1.02 -16.28
CA PHE A 61 11.68 -0.40 -15.97
C PHE A 61 10.54 -1.11 -16.69
N HIS A 62 9.31 -0.64 -16.50
CA HIS A 62 8.16 -1.28 -17.11
C HIS A 62 8.28 -1.31 -18.63
N MET A 63 8.83 -0.26 -19.22
CA MET A 63 8.87 -0.15 -20.67
C MET A 63 10.01 -0.94 -21.29
N SER A 64 11.07 -1.24 -20.54
CA SER A 64 12.23 -1.90 -21.12
C SER A 64 12.38 -3.36 -20.74
N ILE A 65 11.54 -3.90 -19.86
CA ILE A 65 11.66 -5.31 -19.50
C ILE A 65 11.00 -6.16 -20.57
N THR A 66 11.61 -7.30 -20.89
CA THR A 66 11.23 -8.13 -22.02
C THR A 66 10.42 -9.34 -21.55
N PRO A 67 9.70 -9.98 -22.47
CA PRO A 67 8.92 -11.18 -22.10
C PRO A 67 9.77 -12.26 -21.44
N GLU A 68 11.01 -12.43 -21.91
CA GLU A 68 11.91 -13.41 -21.30
C GLU A 68 12.19 -13.05 -19.85
N GLU A 69 12.48 -11.78 -19.60
CA GLU A 69 12.75 -11.35 -18.23
C GLU A 69 11.52 -11.49 -17.34
N LYS A 70 10.33 -11.21 -17.89
CA LYS A 70 9.12 -11.33 -17.10
C LYS A 70 8.91 -12.75 -16.63
N TRP A 71 9.09 -13.74 -17.52
CA TRP A 71 8.99 -15.13 -17.09
C TRP A 71 10.06 -15.44 -16.05
N ASP A 72 11.27 -14.93 -16.23
CA ASP A 72 12.37 -15.21 -15.31
C ASP A 72 12.08 -14.71 -13.90
N LEU A 73 11.28 -13.66 -13.77
CA LEU A 73 11.01 -13.05 -12.48
C LEU A 73 9.60 -13.33 -11.97
N ALA A 74 8.85 -14.19 -12.65
CA ALA A 74 7.42 -14.27 -12.40
C ALA A 74 7.10 -14.97 -11.09
N ILE A 75 6.05 -14.48 -10.42
CA ILE A 75 5.55 -15.17 -9.24
C ILE A 75 4.93 -16.50 -9.64
N ARG A 76 4.73 -17.37 -8.65
CA ARG A 76 4.32 -18.74 -8.98
C ARG A 76 2.93 -18.81 -9.59
N ALA A 77 2.12 -17.75 -9.47
CA ALA A 77 0.84 -17.74 -10.15
C ALA A 77 0.99 -17.72 -11.67
N TYR A 78 2.14 -17.26 -12.18
CA TYR A 78 2.41 -17.24 -13.60
C TYR A 78 3.51 -18.22 -14.02
N ASN A 79 4.29 -18.74 -13.09
CA ASN A 79 5.41 -19.63 -13.41
C ASN A 79 5.49 -20.70 -12.33
N LYS A 80 5.09 -21.92 -12.69
CA LYS A 80 5.07 -23.03 -11.74
C LYS A 80 6.47 -23.36 -11.23
N GLU A 81 7.52 -22.95 -11.93
CA GLU A 81 8.88 -23.25 -11.49
C GLU A 81 9.25 -22.45 -10.23
N HIS A 82 8.50 -21.40 -9.91
CA HIS A 82 8.92 -20.48 -8.86
C HIS A 82 8.02 -20.62 -7.62
N GLN A 83 8.03 -21.80 -7.01
CA GLN A 83 7.11 -22.07 -5.92
C GLN A 83 7.36 -21.17 -4.72
N ASP A 84 8.58 -20.65 -4.56
CA ASP A 84 8.88 -19.79 -3.43
C ASP A 84 8.41 -18.35 -3.62
N GLN A 85 8.01 -17.97 -4.83
CA GLN A 85 7.61 -16.59 -5.12
C GLN A 85 6.09 -16.51 -5.07
N VAL A 86 5.55 -16.34 -3.88
CA VAL A 86 4.14 -16.04 -3.71
C VAL A 86 3.87 -14.55 -3.87
N ARG A 87 4.67 -13.72 -3.19
CA ARG A 87 4.47 -12.28 -3.13
C ARG A 87 5.40 -11.52 -4.06
N ALA A 88 6.70 -11.80 -4.02
CA ALA A 88 7.70 -10.98 -4.70
C ALA A 88 7.97 -11.50 -6.10
N GLY A 89 8.06 -10.58 -7.05
CA GLY A 89 8.36 -10.92 -8.43
C GLY A 89 7.45 -10.19 -9.37
N TYR A 90 7.47 -10.61 -10.63
CA TYR A 90 6.71 -9.93 -11.68
C TYR A 90 5.31 -10.53 -11.82
N TYR A 91 4.33 -9.65 -12.04
CA TYR A 91 2.92 -10.01 -12.20
C TYR A 91 2.55 -9.67 -13.65
N LEU A 92 2.51 -10.68 -14.52
CA LEU A 92 2.42 -10.40 -15.94
C LEU A 92 1.03 -9.94 -16.36
N SER A 93 1.00 -9.05 -17.34
CA SER A 93 -0.25 -8.79 -18.04
C SER A 93 -0.59 -10.00 -18.92
N ILE A 94 -1.86 -10.09 -19.28
CA ILE A 94 -2.33 -11.12 -20.21
C ILE A 94 -2.99 -10.39 -21.37
N PRO A 95 -2.28 -10.13 -22.47
CA PRO A 95 -2.87 -9.31 -23.54
C PRO A 95 -4.22 -9.85 -24.01
N GLY A 96 -5.16 -8.93 -24.22
CA GLY A 96 -6.52 -9.28 -24.54
C GLY A 96 -7.39 -9.63 -23.35
N LYS A 97 -6.82 -9.76 -22.16
CA LYS A 97 -7.54 -10.26 -21.00
C LYS A 97 -7.28 -9.43 -19.75
N LYS A 98 -6.02 -9.13 -19.45
CA LYS A 98 -5.62 -8.43 -18.24
C LYS A 98 -4.60 -7.37 -18.62
N ALA A 99 -4.96 -6.10 -18.39
CA ALA A 99 -4.10 -5.00 -18.82
C ALA A 99 -2.98 -4.74 -17.82
N VAL A 100 -3.24 -4.88 -16.53
CA VAL A 100 -2.32 -4.44 -15.51
C VAL A 100 -1.16 -5.44 -15.40
N GLU A 101 0.03 -4.92 -15.16
CA GLU A 101 1.18 -5.73 -14.80
C GLU A 101 1.92 -5.00 -13.68
N SER A 102 2.70 -5.74 -12.92
CA SER A 102 3.36 -5.13 -11.77
C SER A 102 4.55 -5.96 -11.32
N PHE A 103 5.37 -5.32 -10.48
CA PHE A 103 6.55 -5.91 -9.87
C PHE A 103 6.51 -5.57 -8.39
N CYS A 104 6.51 -6.59 -7.54
CA CYS A 104 6.42 -6.43 -6.10
C CYS A 104 7.72 -6.87 -5.46
N TYR A 105 8.23 -6.06 -4.51
CA TYR A 105 9.37 -6.49 -3.73
C TYR A 105 9.16 -6.14 -2.26
N LEU A 106 9.92 -6.82 -1.42
CA LEU A 106 9.76 -6.85 0.02
C LEU A 106 10.99 -6.25 0.70
N ASN A 107 11.03 -6.38 2.03
CA ASN A 107 12.14 -5.93 2.85
C ASN A 107 13.48 -6.40 2.24
N PRO A 108 14.34 -5.47 1.82
CA PRO A 108 15.67 -5.88 1.33
C PRO A 108 16.47 -6.70 2.33
N ASN A 109 16.19 -6.58 3.63
CA ASN A 109 16.93 -7.37 4.61
C ASN A 109 16.51 -8.84 4.64
N PHE A 110 15.52 -9.24 3.83
CA PHE A 110 15.14 -10.64 3.71
C PHE A 110 16.14 -11.31 2.76
N THR A 111 17.18 -11.88 3.35
CA THR A 111 18.23 -12.58 2.62
C THR A 111 18.26 -14.03 3.07
N PRO A 112 19.03 -14.90 2.40
CA PRO A 112 19.19 -16.27 2.92
C PRO A 112 19.70 -16.32 4.35
N ASP A 113 20.34 -15.25 4.85
CA ASP A 113 20.79 -15.21 6.23
C ASP A 113 19.67 -14.95 7.22
N HIS A 114 18.57 -14.36 6.78
CA HIS A 114 17.52 -13.94 7.70
C HIS A 114 16.87 -15.16 8.32
N PRO A 115 16.68 -15.19 9.65
CA PRO A 115 16.09 -16.40 10.27
C PRO A 115 14.67 -16.69 9.83
N ARG A 116 13.91 -15.69 9.38
CA ARG A 116 12.58 -15.97 8.83
C ARG A 116 12.67 -16.68 7.49
N ILE A 117 13.73 -16.39 6.72
CA ILE A 117 13.95 -17.15 5.49
C ILE A 117 14.42 -18.56 5.83
N GLN A 118 15.41 -18.67 6.73
CA GLN A 118 15.87 -19.99 7.16
C GLN A 118 14.71 -20.84 7.63
N ALA A 119 13.80 -20.26 8.42
CA ALA A 119 12.66 -20.99 8.94
C ALA A 119 11.56 -21.20 7.91
N LYS A 120 11.65 -20.55 6.75
CA LYS A 120 10.63 -20.64 5.72
C LYS A 120 9.27 -20.20 6.26
N THR A 121 9.27 -19.11 7.01
CA THR A 121 8.04 -18.58 7.57
C THR A 121 7.19 -17.98 6.45
N PRO A 122 5.89 -18.25 6.41
CA PRO A 122 5.05 -17.68 5.36
C PRO A 122 5.12 -16.16 5.33
N THR A 123 4.99 -15.62 4.12
CA THR A 123 4.98 -14.19 3.73
C THR A 123 6.37 -13.58 3.71
N HIS A 124 7.41 -14.31 4.10
CA HIS A 124 8.80 -13.87 3.96
C HIS A 124 9.42 -14.50 2.71
N GLU A 125 10.02 -13.66 1.87
CA GLU A 125 10.68 -14.14 0.66
C GLU A 125 11.90 -13.28 0.39
N VAL A 126 12.85 -13.86 -0.33
CA VAL A 126 14.00 -13.11 -0.85
C VAL A 126 13.60 -12.49 -2.17
N ASN A 127 13.79 -11.18 -2.28
CA ASN A 127 13.45 -10.47 -3.52
C ASN A 127 14.19 -11.07 -4.71
N VAL A 128 13.56 -11.01 -5.87
CA VAL A 128 14.18 -11.33 -7.15
C VAL A 128 14.35 -10.05 -7.94
N TRP A 129 15.45 -9.95 -8.69
CA TRP A 129 15.77 -8.73 -9.41
C TRP A 129 16.18 -9.03 -10.84
N PRO A 130 15.88 -8.12 -11.77
CA PRO A 130 16.38 -8.28 -13.14
C PRO A 130 17.89 -8.13 -13.19
N ASP A 131 18.45 -8.52 -14.33
CA ASP A 131 19.90 -8.39 -14.53
C ASP A 131 20.34 -6.94 -14.44
N GLU A 132 21.35 -6.69 -13.62
CA GLU A 132 21.84 -5.32 -13.41
C GLU A 132 22.24 -4.66 -14.73
N THR A 133 22.88 -5.39 -15.64
CA THR A 133 23.33 -4.75 -16.87
C THR A 133 22.17 -4.44 -17.81
N LYS A 134 21.09 -5.22 -17.76
CA LYS A 134 19.92 -4.89 -18.56
C LYS A 134 19.10 -3.76 -17.95
N HIS A 135 19.14 -3.59 -16.63
CA HIS A 135 18.40 -2.55 -15.94
C HIS A 135 19.31 -1.84 -14.95
N PRO A 136 20.27 -1.05 -15.46
CA PRO A 136 21.25 -0.44 -14.57
C PRO A 136 20.60 0.49 -13.56
N GLY A 137 21.03 0.35 -12.29
CA GLY A 137 20.56 1.21 -11.23
C GLY A 137 19.17 0.92 -10.73
N PHE A 138 18.44 0.01 -11.37
CA PHE A 138 17.06 -0.23 -10.96
C PHE A 138 16.99 -0.76 -9.53
N GLN A 139 17.72 -1.85 -9.25
CA GLN A 139 17.67 -2.43 -7.91
C GLN A 139 18.13 -1.43 -6.86
N ASP A 140 19.19 -0.67 -7.16
CA ASP A 140 19.64 0.36 -6.22
C ASP A 140 18.54 1.38 -5.96
N PHE A 141 17.93 1.90 -7.03
CA PHE A 141 16.82 2.84 -6.87
C PHE A 141 15.69 2.21 -6.06
N ALA A 142 15.33 0.96 -6.38
CA ALA A 142 14.18 0.34 -5.73
C ALA A 142 14.41 0.15 -4.24
N GLU A 143 15.61 -0.33 -3.85
CA GLU A 143 15.88 -0.55 -2.44
C GLU A 143 15.95 0.75 -1.67
N GLN A 144 16.62 1.77 -2.24
CA GLN A 144 16.63 3.08 -1.59
C GLN A 144 15.21 3.63 -1.47
N TYR A 145 14.37 3.40 -2.47
CA TYR A 145 13.00 3.89 -2.36
C TYR A 145 12.27 3.20 -1.22
N TYR A 146 12.47 1.89 -1.07
CA TYR A 146 11.89 1.16 0.06
C TYR A 146 12.18 1.88 1.38
N TRP A 147 13.44 2.30 1.57
CA TRP A 147 13.80 2.92 2.85
C TRP A 147 13.36 4.39 2.92
N ASP A 148 13.37 5.10 1.79
CA ASP A 148 12.82 6.46 1.79
C ASP A 148 11.36 6.45 2.24
N VAL A 149 10.54 5.58 1.65
CA VAL A 149 9.13 5.54 2.01
C VAL A 149 8.95 4.90 3.38
N PHE A 150 9.86 4.02 3.78
CA PHE A 150 9.83 3.50 5.15
C PHE A 150 9.95 4.65 6.16
N GLY A 151 10.88 5.57 5.92
CA GLY A 151 11.06 6.69 6.82
C GLY A 151 9.82 7.57 6.88
N LEU A 152 9.21 7.84 5.72
CA LEU A 152 7.97 8.60 5.70
C LEU A 152 6.88 7.88 6.49
N SER A 153 6.73 6.58 6.27
CA SER A 153 5.65 5.83 6.92
C SER A 153 5.83 5.82 8.43
N SER A 154 7.07 5.66 8.91
N SER A 154 7.06 5.67 8.90
CA SER A 154 7.32 5.73 10.34
CA SER A 154 7.30 5.72 10.35
C SER A 154 6.82 7.04 10.92
C SER A 154 6.84 7.04 10.94
N ALA A 155 7.13 8.16 10.26
CA ALA A 155 6.65 9.45 10.72
C ALA A 155 5.13 9.50 10.69
N LEU A 156 4.53 9.05 9.59
CA LEU A 156 3.06 9.02 9.52
C LEU A 156 2.47 8.19 10.66
N LEU A 157 3.12 7.07 10.99
CA LEU A 157 2.60 6.24 12.08
C LEU A 157 2.67 6.95 13.43
N LYS A 158 3.63 7.86 13.60
CA LYS A 158 3.65 8.68 14.81
C LYS A 158 2.46 9.62 14.85
N GLY A 159 2.04 10.12 13.68
CA GLY A 159 0.87 10.96 13.64
C GLY A 159 -0.40 10.21 13.97
N TYR A 160 -0.54 8.99 13.45
CA TYR A 160 -1.69 8.17 13.79
C TYR A 160 -1.71 7.85 15.27
N ALA A 161 -0.55 7.53 15.85
CA ALA A 161 -0.49 7.19 17.27
C ALA A 161 -0.95 8.35 18.13
N LEU A 162 -0.43 9.55 17.86
CA LEU A 162 -0.84 10.72 18.62
C LEU A 162 -2.31 11.03 18.38
N ALA A 163 -2.80 10.82 17.16
CA ALA A 163 -4.19 11.11 16.85
C ALA A 163 -5.14 10.26 17.68
N LEU A 164 -4.73 9.04 18.01
CA LEU A 164 -5.55 8.11 18.78
C LEU A 164 -5.34 8.24 20.28
N GLY A 165 -4.56 9.22 20.72
CA GLY A 165 -4.33 9.45 22.13
C GLY A 165 -3.20 8.64 22.74
N LYS A 166 -2.32 8.06 21.92
CA LYS A 166 -1.23 7.23 22.38
C LYS A 166 0.09 7.97 22.28
N GLU A 167 1.12 7.41 22.90
N GLU A 167 1.12 7.42 22.91
CA GLU A 167 2.47 7.90 22.69
CA GLU A 167 2.46 7.94 22.68
C GLU A 167 2.87 7.68 21.23
C GLU A 167 2.86 7.69 21.23
N GLU A 168 3.78 8.52 20.74
CA GLU A 168 4.03 8.58 19.31
C GLU A 168 4.64 7.29 18.74
N ASN A 169 5.16 6.39 19.56
CA ASN A 169 5.75 5.16 19.05
C ASN A 169 4.83 3.96 19.17
N PHE A 170 3.54 4.19 19.48
CA PHE A 170 2.61 3.09 19.71
C PHE A 170 2.57 2.13 18.53
N PHE A 171 2.55 2.65 17.31
CA PHE A 171 2.62 1.81 16.12
C PHE A 171 4.06 1.63 15.63
N ALA A 172 4.83 2.72 15.61
CA ALA A 172 6.14 2.70 14.98
C ALA A 172 7.08 1.71 15.65
N ARG A 173 6.89 1.46 16.94
N ARG A 173 6.90 1.46 16.95
CA ARG A 173 7.76 0.51 17.63
CA ARG A 173 7.76 0.52 17.65
C ARG A 173 7.72 -0.87 16.99
C ARG A 173 7.70 -0.88 17.03
N HIS A 174 6.62 -1.20 16.32
CA HIS A 174 6.47 -2.50 15.68
C HIS A 174 6.92 -2.50 14.22
N PHE A 175 7.31 -1.34 13.70
CA PHE A 175 7.67 -1.14 12.29
C PHE A 175 9.18 -0.97 12.24
N LYS A 176 9.88 -2.05 11.89
CA LYS A 176 11.32 -2.13 12.05
C LYS A 176 11.99 -2.63 10.78
N PRO A 177 13.16 -2.09 10.43
CA PRO A 177 13.83 -2.57 9.20
C PRO A 177 14.20 -4.04 9.25
N ASP A 178 14.44 -4.61 10.43
CA ASP A 178 14.92 -5.99 10.49
C ASP A 178 13.83 -7.01 10.16
N ASP A 179 12.54 -6.65 10.32
CA ASP A 179 11.50 -7.66 10.15
C ASP A 179 10.22 -7.18 9.47
N THR A 180 10.13 -5.94 9.00
CA THR A 180 8.86 -5.47 8.48
C THR A 180 8.44 -6.30 7.26
N LEU A 181 7.16 -6.66 7.22
CA LEU A 181 6.60 -7.36 6.08
C LEU A 181 6.07 -6.40 5.01
N ALA A 182 6.47 -5.12 5.08
CA ALA A 182 5.99 -4.14 4.13
C ALA A 182 6.46 -4.47 2.71
N SER A 183 5.64 -4.09 1.74
CA SER A 183 5.94 -4.33 0.34
C SER A 183 5.80 -3.03 -0.46
N VAL A 184 6.54 -2.97 -1.55
CA VAL A 184 6.34 -1.99 -2.62
C VAL A 184 5.83 -2.75 -3.82
N VAL A 185 4.85 -2.17 -4.53
CA VAL A 185 4.41 -2.71 -5.82
C VAL A 185 4.52 -1.61 -6.86
N LEU A 186 5.22 -1.89 -7.96
CA LEU A 186 5.35 -0.96 -9.08
C LEU A 186 4.37 -1.43 -10.15
N ILE A 187 3.24 -0.74 -10.24
CA ILE A 187 2.13 -1.16 -11.10
C ILE A 187 2.12 -0.28 -12.34
N ARG A 188 2.02 -0.91 -13.51
CA ARG A 188 1.78 -0.19 -14.75
C ARG A 188 0.35 -0.44 -15.20
N TYR A 189 -0.37 0.63 -15.46
CA TYR A 189 -1.67 0.57 -16.13
C TYR A 189 -1.48 1.10 -17.54
N PRO A 190 -1.64 0.29 -18.58
CA PRO A 190 -1.29 0.74 -19.92
C PRO A 190 -2.44 1.47 -20.61
N TYR A 191 -2.05 2.28 -21.59
CA TYR A 191 -2.98 2.72 -22.63
C TYR A 191 -3.09 1.61 -23.67
N LEU A 192 -4.31 1.22 -24.00
CA LEU A 192 -4.55 0.18 -25.00
C LEU A 192 -5.60 0.65 -26.00
N ASP A 193 -5.32 0.43 -27.28
CA ASP A 193 -6.29 0.74 -28.32
C ASP A 193 -6.26 -0.36 -29.38
N PRO A 194 -7.31 -1.20 -29.45
CA PRO A 194 -8.50 -1.15 -28.60
C PRO A 194 -8.25 -1.69 -27.19
N TYR A 195 -8.93 -1.13 -26.20
CA TYR A 195 -8.83 -1.66 -24.83
C TYR A 195 -9.71 -2.89 -24.69
N PRO A 196 -9.18 -4.01 -24.20
CA PRO A 196 -9.98 -5.24 -24.14
C PRO A 196 -11.07 -5.17 -23.09
N GLU A 197 -12.31 -5.42 -23.53
CA GLU A 197 -13.43 -5.40 -22.60
C GLU A 197 -13.28 -6.46 -21.51
N ALA A 198 -12.61 -7.57 -21.82
CA ALA A 198 -12.40 -8.60 -20.81
C ALA A 198 -11.58 -8.09 -19.63
N ALA A 199 -10.82 -7.01 -19.81
CA ALA A 199 -10.02 -6.45 -18.73
C ALA A 199 -10.78 -5.42 -17.90
N ILE A 200 -12.06 -5.21 -18.20
CA ILE A 200 -12.88 -4.20 -17.54
C ILE A 200 -14.00 -4.90 -16.79
N LYS A 201 -14.16 -4.56 -15.52
CA LYS A 201 -15.28 -5.08 -14.73
C LYS A 201 -16.33 -4.00 -14.58
N THR A 202 -17.58 -4.44 -14.47
CA THR A 202 -18.71 -3.53 -14.31
C THR A 202 -19.22 -3.61 -12.87
N ALA A 203 -19.22 -2.48 -12.19
CA ALA A 203 -19.67 -2.42 -10.81
C ALA A 203 -21.20 -2.50 -10.75
N ALA A 204 -21.70 -2.78 -9.54
CA ALA A 204 -23.13 -2.82 -9.31
C ALA A 204 -23.80 -1.53 -9.78
N ASP A 205 -23.16 -0.39 -9.52
CA ASP A 205 -23.72 0.89 -9.94
C ASP A 205 -23.40 1.23 -11.39
N GLY A 206 -22.78 0.31 -12.13
CA GLY A 206 -22.52 0.50 -13.54
C GLY A 206 -21.17 1.08 -13.88
N THR A 207 -20.41 1.55 -12.90
CA THR A 207 -19.10 2.11 -13.16
C THR A 207 -18.17 1.04 -13.72
N LYS A 208 -17.42 1.40 -14.77
CA LYS A 208 -16.42 0.50 -15.33
C LYS A 208 -15.16 0.56 -14.48
N LEU A 209 -14.64 -0.60 -14.10
CA LEU A 209 -13.56 -0.70 -13.13
C LEU A 209 -12.39 -1.51 -13.68
N SER A 210 -11.19 -1.14 -13.24
CA SER A 210 -10.04 -2.03 -13.39
C SER A 210 -9.86 -2.96 -12.19
N PHE A 211 -10.36 -2.56 -11.02
CA PHE A 211 -10.18 -3.34 -9.81
C PHE A 211 -11.35 -3.06 -8.86
N GLU A 212 -11.93 -4.12 -8.31
CA GLU A 212 -13.18 -3.98 -7.58
C GLU A 212 -12.94 -3.47 -6.16
N TRP A 213 -14.05 -3.20 -5.48
CA TRP A 213 -14.01 -2.65 -4.13
C TRP A 213 -13.22 -3.56 -3.20
N HIS A 214 -12.50 -2.95 -2.27
CA HIS A 214 -11.71 -3.71 -1.31
C HIS A 214 -11.30 -2.80 -0.16
N GLU A 215 -10.96 -3.42 0.96
CA GLU A 215 -10.21 -2.78 2.02
C GLU A 215 -8.75 -3.23 1.89
N ASP A 216 -7.83 -2.34 2.23
CA ASP A 216 -6.42 -2.66 2.11
C ASP A 216 -5.98 -3.65 3.18
N VAL A 217 -5.13 -4.60 2.78
CA VAL A 217 -4.45 -5.48 3.73
C VAL A 217 -3.17 -4.75 4.10
N SER A 218 -3.22 -4.00 5.21
CA SER A 218 -2.10 -3.21 5.67
C SER A 218 -2.47 -2.65 7.03
N LEU A 219 -1.50 -2.02 7.68
CA LEU A 219 -1.81 -1.09 8.76
C LEU A 219 -2.24 0.25 8.20
N ILE A 220 -1.38 0.85 7.37
CA ILE A 220 -1.75 1.94 6.49
C ILE A 220 -1.12 1.67 5.13
N THR A 221 -1.62 2.38 4.12
CA THR A 221 -1.11 2.32 2.76
C THR A 221 -0.62 3.71 2.36
N VAL A 222 0.57 3.76 1.76
CA VAL A 222 1.25 5.00 1.42
C VAL A 222 1.50 4.97 -0.08
N LEU A 223 0.69 5.70 -0.84
CA LEU A 223 0.57 5.48 -2.27
C LEU A 223 1.00 6.72 -3.06
N TYR A 224 1.89 6.50 -4.01
CA TYR A 224 2.15 7.48 -5.06
C TYR A 224 1.50 6.99 -6.35
N GLN A 225 0.81 7.90 -7.04
CA GLN A 225 0.25 7.63 -8.35
C GLN A 225 0.55 8.78 -9.29
N SER A 226 0.77 8.45 -10.55
CA SER A 226 0.88 9.50 -11.55
C SER A 226 -0.45 10.23 -11.67
N ASN A 227 -0.42 11.34 -12.41
CA ASN A 227 -1.55 12.28 -12.43
C ASN A 227 -2.63 11.81 -13.41
N VAL A 228 -3.31 10.73 -13.02
CA VAL A 228 -4.48 10.25 -13.74
C VAL A 228 -5.52 9.81 -12.71
N GLN A 229 -6.66 10.49 -12.67
CA GLN A 229 -7.67 10.22 -11.67
C GLN A 229 -8.32 8.87 -11.91
N ASN A 230 -8.44 8.06 -10.85
CA ASN A 230 -8.98 6.72 -11.02
C ASN A 230 -9.64 6.17 -9.76
N LEU A 231 -9.18 6.58 -8.59
CA LEU A 231 -9.65 5.97 -7.35
C LEU A 231 -10.98 6.57 -6.91
N GLN A 232 -11.79 5.72 -6.28
CA GLN A 232 -13.05 6.12 -5.66
C GLN A 232 -13.15 5.50 -4.29
N VAL A 233 -13.67 6.26 -3.32
CA VAL A 233 -13.89 5.77 -1.96
C VAL A 233 -15.39 5.66 -1.72
N GLU A 234 -15.79 4.58 -1.06
CA GLU A 234 -17.20 4.38 -0.75
C GLU A 234 -17.57 5.19 0.49
N THR A 235 -18.66 5.95 0.39
CA THR A 235 -19.30 6.60 1.52
C THR A 235 -20.74 6.10 1.62
N ALA A 236 -21.46 6.59 2.62
CA ALA A 236 -22.87 6.22 2.77
C ALA A 236 -23.69 6.69 1.58
N ALA A 237 -23.27 7.75 0.90
CA ALA A 237 -23.95 8.27 -0.27
C ALA A 237 -23.39 7.72 -1.56
N GLY A 238 -22.59 6.65 -1.48
CA GLY A 238 -22.04 6.04 -2.67
C GLY A 238 -20.59 6.40 -2.88
N TYR A 239 -20.07 5.93 -4.00
CA TYR A 239 -18.66 6.13 -4.31
C TYR A 239 -18.40 7.58 -4.71
N GLN A 240 -17.27 8.10 -4.25
CA GLN A 240 -16.86 9.48 -4.53
C GLN A 240 -15.46 9.46 -5.11
N ASP A 241 -15.24 10.29 -6.13
CA ASP A 241 -13.95 10.33 -6.81
C ASP A 241 -12.88 10.91 -5.90
N ILE A 242 -11.74 10.25 -5.86
CA ILE A 242 -10.54 10.77 -5.21
C ILE A 242 -9.71 11.47 -6.28
N GLU A 243 -9.50 12.77 -6.11
CA GLU A 243 -8.74 13.52 -7.10
C GLU A 243 -7.26 13.16 -7.03
N ALA A 244 -6.60 13.18 -8.19
CA ALA A 244 -5.19 12.84 -8.24
C ALA A 244 -4.33 14.00 -7.75
N ASP A 245 -3.08 13.66 -7.43
CA ASP A 245 -2.09 14.64 -6.97
C ASP A 245 -0.76 13.92 -7.08
N ASP A 246 -0.06 14.10 -8.20
CA ASP A 246 1.20 13.39 -8.44
C ASP A 246 2.39 14.09 -7.77
N THR A 247 2.18 14.82 -6.69
CA THR A 247 3.26 15.24 -5.82
C THR A 247 3.06 14.80 -4.37
N GLY A 248 1.84 14.49 -3.97
CA GLY A 248 1.58 14.03 -2.63
C GLY A 248 1.48 12.52 -2.54
N TYR A 249 1.42 12.03 -1.32
CA TYR A 249 1.18 10.63 -1.04
C TYR A 249 -0.23 10.46 -0.50
N LEU A 250 -1.02 9.62 -1.17
CA LEU A 250 -2.35 9.29 -0.71
C LEU A 250 -2.25 8.25 0.40
N ILE A 251 -2.86 8.54 1.54
CA ILE A 251 -2.73 7.71 2.73
C ILE A 251 -4.10 7.20 3.14
N ASP A 252 -4.17 5.92 3.50
CA ASP A 252 -5.40 5.37 4.06
C ASP A 252 -5.06 4.24 5.01
N CYS A 253 -5.96 4.01 5.97
CA CYS A 253 -5.80 2.92 6.92
C CYS A 253 -6.22 1.59 6.29
N GLY A 254 -5.51 0.53 6.68
CA GLY A 254 -5.86 -0.82 6.30
C GLY A 254 -6.70 -1.50 7.37
N SER A 255 -7.18 -2.70 7.03
CA SER A 255 -8.11 -3.40 7.91
C SER A 255 -7.50 -3.76 9.25
N TYR A 256 -6.17 -3.81 9.36
CA TYR A 256 -5.57 -4.08 10.67
C TYR A 256 -5.80 -2.89 11.61
N MET A 257 -5.77 -1.68 11.07
CA MET A 257 -6.07 -0.50 11.89
C MET A 257 -7.53 -0.48 12.31
N ALA A 258 -8.43 -0.79 11.38
CA ALA A 258 -9.84 -0.91 11.75
C ALA A 258 -10.02 -1.91 12.87
N HIS A 259 -9.31 -3.04 12.80
CA HIS A 259 -9.47 -4.06 13.82
C HIS A 259 -9.03 -3.55 15.18
N LEU A 260 -7.82 -2.96 15.26
CA LEU A 260 -7.26 -2.62 16.55
C LEU A 260 -7.89 -1.39 17.18
N THR A 261 -8.56 -0.55 16.39
CA THR A 261 -9.25 0.63 16.92
C THR A 261 -10.75 0.39 17.08
N ASN A 262 -11.19 -0.86 17.01
CA ASN A 262 -12.62 -1.19 17.11
C ASN A 262 -13.41 -0.36 16.10
N ASN A 263 -12.89 -0.30 14.87
N ASN A 263 -12.91 -0.31 14.86
CA ASN A 263 -13.49 0.39 13.73
CA ASN A 263 -13.51 0.39 13.74
C ASN A 263 -13.57 1.90 13.92
C ASN A 263 -13.57 1.90 13.91
N TYR A 264 -12.89 2.45 14.93
CA TYR A 264 -12.87 3.90 15.10
C TYR A 264 -12.21 4.57 13.89
N TYR A 265 -11.06 4.06 13.46
CA TYR A 265 -10.46 4.42 12.17
C TYR A 265 -10.80 3.28 11.21
N LYS A 266 -11.82 3.49 10.37
CA LYS A 266 -12.21 2.46 9.43
C LYS A 266 -11.16 2.29 8.33
N ALA A 267 -11.06 1.08 7.80
CA ALA A 267 -10.37 0.81 6.54
C ALA A 267 -11.31 1.23 5.42
N PRO A 268 -11.06 2.35 4.74
CA PRO A 268 -12.01 2.79 3.71
C PRO A 268 -12.08 1.80 2.57
N ILE A 269 -13.30 1.51 2.14
CA ILE A 269 -13.53 0.69 0.95
C ILE A 269 -13.34 1.57 -0.28
N HIS A 270 -12.53 1.10 -1.23
CA HIS A 270 -12.23 1.89 -2.42
C HIS A 270 -12.07 0.95 -3.60
N ARG A 271 -12.11 1.54 -4.80
CA ARG A 271 -12.00 0.78 -6.03
C ARG A 271 -11.25 1.63 -7.05
N VAL A 272 -10.85 0.98 -8.14
CA VAL A 272 -10.05 1.60 -9.19
C VAL A 272 -10.93 1.70 -10.44
N LYS A 273 -11.26 2.92 -10.84
CA LYS A 273 -12.02 3.10 -12.07
C LYS A 273 -11.18 2.68 -13.26
N TRP A 274 -11.86 2.16 -14.28
CA TRP A 274 -11.21 1.96 -15.57
C TRP A 274 -10.95 3.31 -16.23
N VAL A 275 -9.70 3.53 -16.63
CA VAL A 275 -9.33 4.71 -17.40
C VAL A 275 -8.36 4.26 -18.47
N ASN A 276 -8.61 4.64 -19.72
CA ASN A 276 -7.71 4.24 -20.80
C ASN A 276 -6.60 5.27 -20.92
N ALA A 277 -5.59 5.10 -20.06
CA ALA A 277 -4.48 6.04 -19.99
C ALA A 277 -3.27 5.34 -19.39
N GLU A 278 -2.10 5.60 -19.98
CA GLU A 278 -0.85 5.12 -19.43
C GLU A 278 -0.60 5.80 -18.08
N ARG A 279 -0.42 5.01 -17.03
CA ARG A 279 -0.24 5.61 -15.71
C ARG A 279 0.47 4.62 -14.79
N GLN A 280 0.96 5.14 -13.67
CA GLN A 280 1.67 4.37 -12.66
C GLN A 280 0.93 4.43 -11.33
N SER A 281 0.99 3.33 -10.59
CA SER A 281 0.46 3.25 -9.23
C SER A 281 1.48 2.51 -8.38
N LEU A 282 2.05 3.20 -7.40
CA LEU A 282 3.19 2.68 -6.63
C LEU A 282 2.84 2.68 -5.15
N PRO A 283 2.07 1.69 -4.70
CA PRO A 283 1.73 1.61 -3.27
C PRO A 283 2.85 1.00 -2.43
N PHE A 284 2.93 1.50 -1.20
CA PHE A 284 3.76 0.92 -0.14
C PHE A 284 2.79 0.48 0.95
N PHE A 285 2.68 -0.83 1.14
CA PHE A 285 1.79 -1.39 2.16
C PHE A 285 2.57 -1.49 3.46
N VAL A 286 2.17 -0.69 4.45
CA VAL A 286 2.85 -0.63 5.74
C VAL A 286 2.37 -1.82 6.55
N ASN A 287 3.20 -2.87 6.59
CA ASN A 287 2.96 -4.05 7.40
C ASN A 287 3.98 -4.10 8.53
N LEU A 288 3.59 -4.73 9.62
CA LEU A 288 4.48 -4.84 10.77
C LEU A 288 5.31 -6.12 10.63
N GLY A 289 5.87 -6.61 11.75
CA GLY A 289 6.57 -7.88 11.74
C GLY A 289 5.62 -9.05 11.91
N TYR A 290 6.14 -10.25 11.61
CA TYR A 290 5.30 -11.44 11.59
C TYR A 290 4.69 -11.73 12.96
N ASP A 291 5.43 -11.46 14.03
CA ASP A 291 4.96 -11.70 15.39
C ASP A 291 4.41 -10.46 16.06
N SER A 292 4.33 -9.34 15.34
CA SER A 292 3.85 -8.10 15.94
C SER A 292 2.38 -8.24 16.33
N VAL A 293 2.07 -7.85 17.57
CA VAL A 293 0.72 -7.88 18.10
C VAL A 293 0.43 -6.53 18.76
N ILE A 294 -0.68 -5.91 18.39
CA ILE A 294 -1.14 -4.68 19.03
C ILE A 294 -2.47 -4.96 19.72
N ASP A 295 -2.54 -4.59 20.99
CA ASP A 295 -3.75 -4.79 21.78
C ASP A 295 -4.86 -3.86 21.28
N PRO A 296 -6.01 -4.38 20.87
CA PRO A 296 -7.10 -3.48 20.44
C PRO A 296 -7.57 -2.58 21.57
N PHE A 297 -8.06 -1.40 21.19
CA PHE A 297 -8.65 -0.47 22.14
C PHE A 297 -9.79 0.25 21.43
N ASP A 298 -10.62 0.91 22.22
CA ASP A 298 -11.77 1.65 21.69
C ASP A 298 -11.68 3.10 22.13
N PRO A 299 -11.25 4.02 21.26
CA PRO A 299 -11.18 5.43 21.67
C PRO A 299 -12.53 6.06 21.97
N ARG A 300 -13.63 5.36 21.69
CA ARG A 300 -14.95 5.92 22.01
C ARG A 300 -15.33 5.71 23.46
N GLU A 301 -14.67 4.79 24.16
CA GLU A 301 -15.07 4.43 25.51
C GLU A 301 -14.17 5.11 26.54
N PRO A 302 -14.74 5.61 27.65
CA PRO A 302 -13.89 6.20 28.69
C PRO A 302 -12.75 5.29 29.12
N ASN A 303 -13.05 4.03 29.44
CA ASN A 303 -11.99 3.10 29.83
C ASN A 303 -11.13 2.67 28.65
N GLY A 304 -11.52 3.02 27.43
CA GLY A 304 -10.76 2.64 26.25
C GLY A 304 -10.71 1.15 26.00
N LYS A 305 -11.54 0.36 26.67
CA LYS A 305 -11.43 -1.09 26.60
C LYS A 305 -12.13 -1.63 25.36
N SER A 306 -11.51 -2.63 24.75
CA SER A 306 -12.06 -3.36 23.62
C SER A 306 -12.13 -4.83 23.97
N ASP A 307 -13.21 -5.50 23.53
CA ASP A 307 -13.33 -6.94 23.68
C ASP A 307 -12.62 -7.70 22.56
N ARG A 308 -12.10 -7.00 21.56
CA ARG A 308 -11.56 -7.65 20.38
C ARG A 308 -10.24 -8.35 20.68
N GLU A 309 -10.03 -9.47 20.02
CA GLU A 309 -8.86 -10.30 20.27
C GLU A 309 -7.63 -9.68 19.64
N PRO A 310 -6.48 -9.65 20.33
CA PRO A 310 -5.24 -9.26 19.67
C PRO A 310 -4.92 -10.18 18.50
N LEU A 311 -4.43 -9.60 17.41
CA LEU A 311 -4.14 -10.32 16.18
C LEU A 311 -2.66 -10.26 15.87
N SER A 312 -2.03 -11.42 15.70
CA SER A 312 -0.67 -11.44 15.21
C SER A 312 -0.65 -10.99 13.75
N TYR A 313 0.31 -10.13 13.41
CA TYR A 313 0.24 -9.47 12.13
C TYR A 313 0.54 -10.43 10.97
N GLY A 314 1.46 -11.37 11.19
CA GLY A 314 1.77 -12.32 10.13
C GLY A 314 0.57 -13.13 9.69
N ASP A 315 -0.16 -13.67 10.66
CA ASP A 315 -1.35 -14.45 10.33
C ASP A 315 -2.43 -13.56 9.69
N TYR A 316 -2.57 -12.33 10.18
CA TYR A 316 -3.49 -11.40 9.53
C TYR A 316 -3.11 -11.20 8.07
N LEU A 317 -1.81 -11.05 7.80
CA LEU A 317 -1.35 -10.79 6.43
C LEU A 317 -1.52 -12.01 5.54
N GLN A 318 -1.13 -13.19 6.03
CA GLN A 318 -1.30 -14.39 5.22
C GLN A 318 -2.77 -14.55 4.82
N ASN A 319 -3.68 -14.46 5.79
CA ASN A 319 -5.10 -14.60 5.49
C ASN A 319 -5.58 -13.49 4.55
N GLY A 320 -5.15 -12.26 4.81
CA GLY A 320 -5.64 -11.13 4.04
C GLY A 320 -5.24 -11.19 2.58
N LEU A 321 -3.98 -11.53 2.31
CA LEU A 321 -3.52 -11.58 0.92
C LEU A 321 -4.26 -12.65 0.13
N VAL A 322 -4.45 -13.82 0.72
CA VAL A 322 -5.17 -14.87 0.00
C VAL A 322 -6.62 -14.48 -0.22
N SER A 323 -7.24 -13.85 0.77
CA SER A 323 -8.64 -13.45 0.64
C SER A 323 -8.81 -12.41 -0.47
N LEU A 324 -7.92 -11.43 -0.55
CA LEU A 324 -8.05 -10.41 -1.58
C LEU A 324 -7.90 -11.02 -2.97
N ILE A 325 -7.00 -11.99 -3.12
CA ILE A 325 -6.86 -12.67 -4.40
C ILE A 325 -8.16 -13.37 -4.78
N ASN A 326 -8.76 -14.09 -3.82
CA ASN A 326 -9.98 -14.83 -4.13
C ASN A 326 -11.11 -13.89 -4.52
N LYS A 327 -11.26 -12.79 -3.79
CA LYS A 327 -12.39 -11.91 -4.03
C LYS A 327 -12.22 -11.07 -5.30
N ASN A 328 -11.03 -10.49 -5.51
CA ASN A 328 -10.80 -9.56 -6.60
C ASN A 328 -9.92 -10.11 -7.72
N GLY A 329 -9.51 -11.38 -7.64
CA GLY A 329 -8.78 -12.01 -8.72
C GLY A 329 -7.27 -11.83 -8.59
N GLN A 330 -6.55 -12.77 -9.20
CA GLN A 330 -5.09 -12.71 -9.23
C GLN A 330 -4.64 -11.49 -10.01
N THR A 331 -3.86 -10.62 -9.37
CA THR A 331 -3.37 -9.42 -10.05
C THR A 331 -2.12 -9.75 -10.85
FE FE B . -6.32 -0.43 -2.13
S SO4 C . -18.69 5.08 14.83
O1 SO4 C . -19.47 5.93 13.94
O2 SO4 C . -17.91 4.14 14.04
O3 SO4 C . -19.59 4.34 15.72
O4 SO4 C . -17.78 5.91 15.63
S SO4 D . 2.33 24.45 12.41
O1 SO4 D . 1.80 25.40 11.43
O2 SO4 D . 3.22 23.50 11.75
O3 SO4 D . 1.21 23.73 13.02
O4 SO4 D . 3.06 25.17 13.44
S SO4 E . 19.50 9.51 -11.83
O1 SO4 E . 19.35 8.67 -10.65
O2 SO4 E . 19.59 8.66 -13.02
O3 SO4 E . 18.34 10.39 -11.95
O4 SO4 E . 20.72 10.31 -11.72
S SO4 F . -26.21 1.84 -15.17
O1 SO4 F . -26.07 0.38 -15.24
O2 SO4 F . -27.36 2.25 -15.98
O3 SO4 F . -26.42 2.24 -13.79
O4 SO4 F . -25.00 2.46 -15.68
C1 IP1 G . 2.18 -8.07 -1.23
C2 IP1 G . 1.42 -7.39 -2.36
C3 IP1 G . -0.03 -7.05 -1.91
C4 IP1 G . -0.85 -6.42 -3.02
C7 IP1 G . -2.30 -6.16 -2.63
C10 IP1 G . -3.13 -5.76 -3.81
N11 IP1 G . -3.77 -4.59 -3.73
C12 IP1 G . -4.49 -4.06 -4.87
C13 IP1 G . -3.61 -3.55 -6.02
N14 IP1 G . 1.47 -8.17 -3.61
O15 IP1 G . -3.21 -6.47 -4.81
C16 IP1 G . -5.04 -2.61 -4.84
S17 IP1 G . -4.33 -1.36 -3.74
O18 IP1 G . -2.62 -3.93 -6.61
O19 IP1 G . 2.39 -7.28 -0.22
O20 IP1 G . 2.55 -9.23 -1.29
N29 IP1 G . -4.35 -2.39 -6.13
C30 IP1 G . -3.80 -1.07 -6.36
C31 IP1 G . -4.24 -0.54 -7.72
C32 IP1 G . -4.22 -0.17 -5.14
C33 IP1 G . -5.59 0.48 -5.36
C37 IP1 G . -3.16 0.88 -4.83
O42 IP1 G . -3.85 0.68 -7.93
O43 IP1 G . -4.88 -1.21 -8.52
#